data_7S10
#
_entry.id   7S10
#
_cell.length_a   82.644
_cell.length_b   82.644
_cell.length_c   75.322
_cell.angle_alpha   90.000
_cell.angle_beta   90.000
_cell.angle_gamma   90.000
#
_symmetry.space_group_name_H-M   'P 42 21 2'
#
loop_
_entity.id
_entity.type
_entity.pdbx_description
1 polymer 'L-ascorbate peroxidase'
2 non-polymer 'PROTOPORPHYRIN IX CONTAINING FE'
3 non-polymer 'SULFATE ION'
4 non-polymer 'POTASSIUM ION'
5 water water
#
_entity_poly.entity_id   1
_entity_poly.type   'polypeptide(L)'
_entity_poly.pdbx_seq_one_letter_code
;GKSYPTVSADYQKAVEKAKKKLRGFIAEKRCAPLMLRLAWHSAGTFDKGTKTGGPFGTIKHPAELAHSANNGLDIAVRLL
EPLKAEFPILSYADFYQLAGVVAVEVTGGPEVPFHPGREDKPEPPPEGRLPDATKGSDHLRDVFGKAMGLTDQDIVALMG
GHTIGAAHKERSGFEGPWTSNPLIFDNSYFTELLSGEKEGLMMLPSDKALLSDPVFRPLVDKYAADEDAFFADYAEAHQK
LSELGFAD
;
_entity_poly.pdbx_strand_id   A
#
loop_
_chem_comp.id
_chem_comp.type
_chem_comp.name
_chem_comp.formula
HEM non-polymer 'PROTOPORPHYRIN IX CONTAINING FE' 'C34 H32 Fe N4 O4'
K non-polymer 'POTASSIUM ION' 'K 1'
SO4 non-polymer 'SULFATE ION' 'O4 S -2'
#
# COMPACT_ATOMS: atom_id res chain seq x y z
N GLY A 1 -11.33 5.23 -16.53
CA GLY A 1 -12.17 6.41 -16.65
C GLY A 1 -11.95 7.44 -15.55
N LYS A 2 -10.72 7.93 -15.43
CA LYS A 2 -10.40 8.89 -14.39
C LYS A 2 -10.52 10.32 -14.90
N SER A 3 -11.05 11.18 -14.04
CA SER A 3 -11.18 12.61 -14.33
C SER A 3 -10.76 13.35 -13.07
N TYR A 4 -9.52 13.81 -13.03
CA TYR A 4 -9.00 14.31 -11.76
C TYR A 4 -9.50 15.72 -11.50
N PRO A 5 -9.85 16.05 -10.25
CA PRO A 5 -10.41 17.36 -9.95
C PRO A 5 -9.37 18.47 -10.04
N THR A 6 -9.87 19.69 -10.16
CA THR A 6 -9.02 20.87 -10.11
C THR A 6 -8.76 21.22 -8.66
N VAL A 7 -7.49 21.48 -8.33
CA VAL A 7 -7.11 22.04 -7.04
C VAL A 7 -6.35 23.32 -7.29
N SER A 8 -6.38 24.21 -6.29
CA SER A 8 -5.74 25.51 -6.42
C SER A 8 -4.23 25.39 -6.59
N ALA A 9 -3.62 26.46 -7.09
CA ALA A 9 -2.16 26.49 -7.20
C ALA A 9 -1.49 26.34 -5.84
N ASP A 10 -2.09 26.93 -4.80
CA ASP A 10 -1.55 26.79 -3.45
C ASP A 10 -1.59 25.33 -3.00
N TYR A 11 -2.65 24.61 -3.34
CA TYR A 11 -2.73 23.20 -3.01
C TYR A 11 -1.61 22.43 -3.69
N GLN A 12 -1.40 22.66 -5.00
CA GLN A 12 -0.34 21.97 -5.70
C GLN A 12 1.03 22.29 -5.14
N LYS A 13 1.27 23.55 -4.77
CA LYS A 13 2.55 23.90 -4.17
C LYS A 13 2.79 23.13 -2.87
N ALA A 14 1.73 22.95 -2.08
CA ALA A 14 1.86 22.19 -0.84
C ALA A 14 2.12 20.72 -1.12
N VAL A 15 1.50 20.16 -2.15
CA VAL A 15 1.79 18.78 -2.53
C VAL A 15 3.28 18.61 -2.81
N GLU A 16 3.83 19.50 -3.62
CA GLU A 16 5.23 19.39 -4.01
C GLU A 16 6.15 19.51 -2.81
N LYS A 17 5.87 20.48 -1.92
N LYS A 17 5.89 20.48 -1.93
CA LYS A 17 6.70 20.67 -0.73
CA LYS A 17 6.71 20.64 -0.74
C LYS A 17 6.54 19.53 0.27
C LYS A 17 6.56 19.45 0.21
N ALA A 18 5.33 18.97 0.40
CA ALA A 18 5.13 17.83 1.29
C ALA A 18 5.82 16.58 0.76
N LYS A 19 5.86 16.41 -0.57
CA LYS A 19 6.54 15.26 -1.17
C LYS A 19 8.01 15.26 -0.79
N LYS A 20 8.66 16.43 -0.87
CA LYS A 20 10.07 16.50 -0.50
C LYS A 20 10.27 16.27 0.99
N LYS A 21 9.43 16.89 1.82
CA LYS A 21 9.59 16.68 3.27
C LYS A 21 9.34 15.23 3.64
N LEU A 22 8.38 14.57 2.98
CA LEU A 22 8.12 13.16 3.23
C LEU A 22 9.32 12.28 2.85
N ARG A 23 10.01 12.60 1.75
CA ARG A 23 11.21 11.85 1.39
C ARG A 23 12.20 11.85 2.54
N GLY A 24 12.55 13.04 3.03
CA GLY A 24 13.57 13.14 4.06
C GLY A 24 13.12 12.49 5.35
N PHE A 25 11.84 12.69 5.72
CA PHE A 25 11.32 12.16 6.98
C PHE A 25 11.28 10.64 6.95
N ILE A 26 10.75 10.08 5.87
CA ILE A 26 10.59 8.63 5.77
C ILE A 26 11.95 7.94 5.68
N ALA A 27 12.89 8.51 4.93
CA ALA A 27 14.24 7.95 4.89
C ALA A 27 14.90 8.00 6.27
N GLU A 28 14.82 9.14 6.94
CA GLU A 28 15.47 9.28 8.24
C GLU A 28 14.88 8.31 9.28
N LYS A 29 13.55 8.18 9.29
CA LYS A 29 12.88 7.38 10.30
C LYS A 29 12.87 5.89 9.97
N ARG A 30 13.28 5.51 8.77
CA ARG A 30 13.33 4.11 8.35
C ARG A 30 11.94 3.47 8.36
N CYS A 31 10.91 4.27 8.05
CA CYS A 31 9.55 3.81 8.22
C CYS A 31 8.83 3.61 6.89
N ALA A 32 9.56 3.50 5.78
CA ALA A 32 8.91 3.26 4.49
C ALA A 32 7.92 2.10 4.51
N PRO A 33 8.27 0.92 5.04
CA PRO A 33 7.29 -0.18 4.97
C PRO A 33 6.02 0.15 5.72
N LEU A 34 6.12 0.75 6.91
CA LEU A 34 4.93 1.10 7.67
C LEU A 34 4.08 2.13 6.93
N MET A 35 4.72 3.08 6.23
CA MET A 35 3.97 4.09 5.48
CA MET A 35 3.94 4.08 5.51
C MET A 35 3.26 3.48 4.28
N LEU A 36 3.91 2.53 3.60
CA LEU A 36 3.26 1.83 2.51
C LEU A 36 2.07 1.04 3.03
N ARG A 37 2.24 0.33 4.15
CA ARG A 37 1.13 -0.40 4.75
C ARG A 37 0.00 0.54 5.14
N LEU A 38 0.31 1.72 5.67
CA LEU A 38 -0.71 2.69 6.03
C LEU A 38 -1.52 3.14 4.81
N ALA A 39 -0.84 3.48 3.71
CA ALA A 39 -1.55 3.92 2.52
C ALA A 39 -2.41 2.80 1.94
N TRP A 40 -1.88 1.57 1.94
N TRP A 40 -1.89 1.57 1.97
CA TRP A 40 -2.61 0.43 1.38
CA TRP A 40 -2.62 0.44 1.38
C TRP A 40 -3.84 0.07 2.23
C TRP A 40 -3.82 0.03 2.23
N HIS A 41 -3.71 0.09 3.56
CA HIS A 41 -4.87 -0.20 4.41
C HIS A 41 -5.89 0.94 4.38
N SER A 42 -5.46 2.15 4.04
CA SER A 42 -6.40 3.25 3.80
CA SER A 42 -6.41 3.22 3.82
C SER A 42 -7.24 2.98 2.56
N ALA A 43 -6.59 2.56 1.48
CA ALA A 43 -7.24 2.42 0.18
C ALA A 43 -7.99 1.10 0.04
N GLY A 44 -7.50 0.03 0.66
CA GLY A 44 -7.99 -1.32 0.44
C GLY A 44 -9.35 -1.63 1.01
N THR A 45 -9.98 -0.69 1.70
CA THR A 45 -11.35 -0.86 2.19
C THR A 45 -12.41 -0.49 1.18
N PHE A 46 -12.03 -0.12 -0.04
CA PHE A 46 -13.01 0.31 -1.04
C PHE A 46 -13.88 -0.85 -1.48
N ASP A 47 -15.19 -0.62 -1.53
CA ASP A 47 -16.14 -1.57 -2.10
C ASP A 47 -16.79 -0.91 -3.31
N LYS A 48 -16.53 -1.45 -4.51
CA LYS A 48 -16.99 -0.80 -5.73
C LYS A 48 -18.50 -0.80 -5.87
N GLY A 49 -19.18 -1.82 -5.33
CA GLY A 49 -20.62 -1.90 -5.49
C GLY A 49 -21.35 -0.78 -4.75
N THR A 50 -20.88 -0.45 -3.55
CA THR A 50 -21.52 0.58 -2.74
C THR A 50 -20.78 1.91 -2.77
N LYS A 51 -19.58 1.93 -3.35
CA LYS A 51 -18.71 3.12 -3.37
C LYS A 51 -18.36 3.61 -1.98
N THR A 52 -18.23 2.69 -1.03
CA THR A 52 -17.88 3.02 0.34
C THR A 52 -16.42 2.65 0.61
N GLY A 53 -15.86 3.26 1.65
CA GLY A 53 -14.47 3.08 1.99
C GLY A 53 -13.54 3.70 0.96
N GLY A 54 -12.29 3.27 1.02
CA GLY A 54 -11.29 3.79 0.12
C GLY A 54 -10.41 4.86 0.76
N PRO A 55 -9.50 5.41 -0.04
CA PRO A 55 -8.43 6.32 0.44
C PRO A 55 -8.94 7.73 0.73
N PHE A 56 -9.75 7.87 1.79
CA PHE A 56 -10.41 9.13 2.09
C PHE A 56 -10.15 9.62 3.52
N GLY A 57 -8.97 9.32 4.05
CA GLY A 57 -8.51 9.89 5.29
C GLY A 57 -9.05 9.27 6.56
N THR A 58 -9.89 8.23 6.45
CA THR A 58 -10.59 7.70 7.62
C THR A 58 -9.70 6.84 8.52
N ILE A 59 -8.51 6.42 8.03
CA ILE A 59 -7.65 5.57 8.82
C ILE A 59 -7.07 6.27 10.04
N LYS A 60 -7.12 7.60 10.07
CA LYS A 60 -6.68 8.32 11.26
C LYS A 60 -7.66 8.18 12.41
N HIS A 61 -8.89 7.75 12.14
CA HIS A 61 -9.90 7.67 13.19
C HIS A 61 -9.59 6.51 14.12
N PRO A 62 -9.69 6.71 15.45
CA PRO A 62 -9.44 5.60 16.38
C PRO A 62 -10.26 4.36 16.09
N ALA A 63 -11.49 4.51 15.60
CA ALA A 63 -12.34 3.37 15.30
C ALA A 63 -11.73 2.48 14.22
N GLU A 64 -11.10 3.08 13.20
CA GLU A 64 -10.50 2.29 12.13
C GLU A 64 -9.14 1.75 12.53
N LEU A 65 -8.36 2.53 13.30
CA LEU A 65 -7.09 2.03 13.80
C LEU A 65 -7.26 0.82 14.70
N ALA A 66 -8.44 0.65 15.30
CA ALA A 66 -8.74 -0.47 16.17
C ALA A 66 -9.08 -1.75 15.42
N HIS A 67 -9.27 -1.71 14.11
CA HIS A 67 -9.50 -2.93 13.34
C HIS A 67 -8.27 -3.83 13.47
N SER A 68 -8.50 -5.14 13.62
CA SER A 68 -7.40 -6.07 13.86
C SER A 68 -6.35 -6.02 12.76
N ALA A 69 -6.80 -5.90 11.50
CA ALA A 69 -5.87 -5.84 10.38
C ALA A 69 -4.97 -4.61 10.45
N ASN A 70 -5.35 -3.59 11.22
CA ASN A 70 -4.59 -2.36 11.32
C ASN A 70 -3.71 -2.31 12.56
N ASN A 71 -3.48 -3.44 13.22
CA ASN A 71 -2.62 -3.47 14.40
C ASN A 71 -1.26 -2.88 14.08
N GLY A 72 -0.86 -1.88 14.86
CA GLY A 72 0.41 -1.23 14.66
C GLY A 72 0.39 0.00 13.78
N LEU A 73 -0.69 0.25 13.04
CA LEU A 73 -0.72 1.42 12.16
C LEU A 73 -0.94 2.72 12.92
N ASP A 74 -1.35 2.67 14.19
CA ASP A 74 -1.39 3.88 15.00
C ASP A 74 0.00 4.49 15.14
N ILE A 75 1.05 3.64 15.10
CA ILE A 75 2.42 4.15 15.09
C ILE A 75 2.65 5.04 13.87
N ALA A 76 2.16 4.61 12.70
CA ALA A 76 2.34 5.38 11.48
C ALA A 76 1.58 6.69 11.52
N VAL A 77 0.35 6.67 12.00
CA VAL A 77 -0.44 7.89 12.09
C VAL A 77 0.24 8.90 13.02
N ARG A 78 0.72 8.43 14.18
CA ARG A 78 1.39 9.34 15.11
C ARG A 78 2.67 9.91 14.51
N LEU A 79 3.45 9.06 13.82
CA LEU A 79 4.69 9.52 13.18
C LEU A 79 4.44 10.68 12.22
N LEU A 80 3.33 10.63 11.48
CA LEU A 80 3.07 11.63 10.45
C LEU A 80 2.37 12.88 10.97
N GLU A 81 1.82 12.84 12.18
CA GLU A 81 1.00 13.97 12.63
C GLU A 81 1.75 15.29 12.67
N PRO A 82 2.99 15.38 13.19
CA PRO A 82 3.67 16.69 13.14
C PRO A 82 3.88 17.20 11.73
N LEU A 83 4.28 16.33 10.80
CA LEU A 83 4.52 16.77 9.43
CA LEU A 83 4.52 16.78 9.44
C LEU A 83 3.23 17.20 8.75
N LYS A 84 2.15 16.45 8.97
CA LYS A 84 0.87 16.81 8.37
C LYS A 84 0.43 18.18 8.82
N ALA A 85 0.72 18.53 10.09
CA ALA A 85 0.34 19.84 10.60
C ALA A 85 1.08 20.98 9.92
N GLU A 86 2.22 20.72 9.27
CA GLU A 86 2.90 21.74 8.47
C GLU A 86 2.23 22.01 7.14
N PHE A 87 1.23 21.20 6.75
CA PHE A 87 0.55 21.33 5.48
C PHE A 87 -0.95 21.30 5.71
N PRO A 88 -1.47 22.32 6.40
CA PRO A 88 -2.90 22.30 6.74
C PRO A 88 -3.82 22.32 5.53
N ILE A 89 -3.35 22.81 4.38
CA ILE A 89 -4.22 22.87 3.21
C ILE A 89 -4.51 21.48 2.64
N LEU A 90 -3.64 20.50 2.88
CA LEU A 90 -3.79 19.18 2.27
C LEU A 90 -4.80 18.34 3.03
N SER A 91 -5.59 17.55 2.30
CA SER A 91 -6.44 16.57 2.96
C SER A 91 -5.59 15.47 3.57
N TYR A 92 -6.05 14.89 4.67
CA TYR A 92 -5.38 13.69 5.18
C TYR A 92 -5.36 12.59 4.14
N ALA A 93 -6.46 12.46 3.38
CA ALA A 93 -6.54 11.44 2.34
C ALA A 93 -5.38 11.55 1.36
N ASP A 94 -5.14 12.76 0.82
CA ASP A 94 -4.02 12.97 -0.10
C ASP A 94 -2.69 12.75 0.60
N PHE A 95 -2.56 13.23 1.83
CA PHE A 95 -1.28 13.15 2.53
C PHE A 95 -0.85 11.70 2.75
N TYR A 96 -1.78 10.84 3.18
CA TYR A 96 -1.40 9.44 3.40
C TYR A 96 -1.09 8.72 2.10
N GLN A 97 -1.83 9.01 1.03
CA GLN A 97 -1.50 8.40 -0.25
C GLN A 97 -0.16 8.90 -0.78
N LEU A 98 0.13 10.19 -0.59
CA LEU A 98 1.44 10.72 -0.98
C LEU A 98 2.54 10.05 -0.19
N ALA A 99 2.33 9.82 1.10
CA ALA A 99 3.32 9.10 1.91
C ALA A 99 3.58 7.71 1.36
N GLY A 100 2.54 7.00 0.91
CA GLY A 100 2.76 5.68 0.34
C GLY A 100 3.55 5.72 -0.97
N VAL A 101 3.23 6.68 -1.84
CA VAL A 101 3.99 6.89 -3.07
C VAL A 101 5.46 7.19 -2.76
N VAL A 102 5.70 8.07 -1.77
CA VAL A 102 7.07 8.42 -1.41
C VAL A 102 7.80 7.23 -0.83
N ALA A 103 7.13 6.41 -0.01
CA ALA A 103 7.76 5.24 0.57
C ALA A 103 8.31 4.31 -0.50
N VAL A 104 7.55 4.11 -1.58
CA VAL A 104 8.04 3.29 -2.68
C VAL A 104 9.24 3.94 -3.35
N GLU A 105 9.18 5.26 -3.56
CA GLU A 105 10.26 5.95 -4.26
C GLU A 105 11.55 5.95 -3.47
N VAL A 106 11.48 6.25 -2.17
CA VAL A 106 12.72 6.41 -1.41
CA VAL A 106 12.68 6.41 -1.36
C VAL A 106 13.41 5.08 -1.16
N THR A 107 12.71 3.96 -1.28
CA THR A 107 13.36 2.68 -1.16
C THR A 107 13.87 2.16 -2.50
N GLY A 108 13.75 2.97 -3.56
CA GLY A 108 14.27 2.63 -4.86
C GLY A 108 13.26 2.07 -5.84
N GLY A 109 11.97 2.14 -5.52
CA GLY A 109 10.97 1.60 -6.38
C GLY A 109 10.56 2.55 -7.48
N PRO A 110 9.53 2.16 -8.24
CA PRO A 110 9.09 3.01 -9.35
C PRO A 110 8.43 4.27 -8.85
N GLU A 111 8.36 5.27 -9.73
CA GLU A 111 7.69 6.52 -9.44
C GLU A 111 6.22 6.38 -9.79
N VAL A 112 5.37 6.25 -8.77
CA VAL A 112 3.94 6.05 -8.95
C VAL A 112 3.30 7.42 -9.20
N PRO A 113 2.61 7.62 -10.32
CA PRO A 113 1.96 8.91 -10.56
C PRO A 113 0.99 9.27 -9.45
N PHE A 114 0.94 10.55 -9.11
CA PHE A 114 0.11 11.05 -8.01
C PHE A 114 -0.72 12.24 -8.49
N HIS A 115 -2.02 12.18 -8.20
CA HIS A 115 -2.94 13.26 -8.51
C HIS A 115 -3.66 13.68 -7.23
N PRO A 116 -3.66 14.96 -6.90
CA PRO A 116 -4.30 15.42 -5.66
C PRO A 116 -5.80 15.60 -5.84
N GLY A 117 -6.50 15.76 -4.71
CA GLY A 117 -7.90 16.12 -4.75
C GLY A 117 -8.83 15.22 -3.96
N ARG A 118 -8.31 14.20 -3.27
CA ARG A 118 -9.19 13.37 -2.44
C ARG A 118 -9.74 14.19 -1.28
N GLU A 119 -11.03 14.06 -1.02
CA GLU A 119 -11.61 14.75 0.12
C GLU A 119 -11.70 13.80 1.30
N ASP A 120 -11.49 14.34 2.49
CA ASP A 120 -11.62 13.53 3.70
C ASP A 120 -13.09 13.25 3.96
N LYS A 121 -13.41 12.00 4.21
CA LYS A 121 -14.79 11.61 4.45
C LYS A 121 -15.02 11.34 5.93
N PRO A 122 -16.25 11.49 6.40
CA PRO A 122 -16.50 11.50 7.86
C PRO A 122 -16.57 10.14 8.53
N GLU A 123 -16.97 9.10 7.83
CA GLU A 123 -17.25 7.83 8.49
C GLU A 123 -16.30 6.75 8.00
N PRO A 124 -15.60 6.05 8.91
CA PRO A 124 -14.80 4.91 8.49
C PRO A 124 -15.70 3.80 7.98
N PRO A 125 -15.18 2.97 7.08
CA PRO A 125 -15.96 1.83 6.59
C PRO A 125 -16.04 0.77 7.67
N PRO A 126 -16.90 -0.24 7.50
CA PRO A 126 -16.95 -1.32 8.50
C PRO A 126 -15.68 -2.16 8.47
N GLU A 127 -15.37 -2.74 9.61
CA GLU A 127 -14.22 -3.64 9.72
C GLU A 127 -14.47 -4.92 8.94
N GLY A 128 -13.39 -5.51 8.43
CA GLY A 128 -13.42 -6.83 7.85
C GLY A 128 -13.17 -6.90 6.37
N ARG A 129 -12.86 -5.77 5.71
CA ARG A 129 -12.66 -5.77 4.28
C ARG A 129 -11.22 -6.10 3.86
N LEU A 130 -10.25 -5.92 4.76
CA LEU A 130 -8.86 -6.16 4.38
C LEU A 130 -8.57 -7.66 4.37
N PRO A 131 -7.60 -8.12 3.57
CA PRO A 131 -7.42 -9.56 3.37
C PRO A 131 -6.85 -10.28 4.59
N ASP A 132 -7.16 -11.58 4.63
CA ASP A 132 -6.76 -12.50 5.70
C ASP A 132 -5.55 -13.30 5.21
N ALA A 133 -4.44 -13.18 5.95
CA ALA A 133 -3.17 -13.81 5.56
C ALA A 133 -3.21 -15.33 5.59
N THR A 134 -4.22 -15.92 6.23
CA THR A 134 -4.33 -17.38 6.30
C THR A 134 -5.16 -17.96 5.16
N LYS A 135 -5.71 -17.14 4.28
CA LYS A 135 -6.59 -17.62 3.21
C LYS A 135 -5.82 -17.69 1.89
N GLY A 136 -6.54 -18.06 0.82
CA GLY A 136 -5.93 -18.40 -0.44
C GLY A 136 -6.48 -17.58 -1.60
N SER A 137 -6.38 -18.17 -2.79
CA SER A 137 -6.63 -17.43 -4.03
C SER A 137 -8.08 -16.97 -4.16
N ASP A 138 -9.03 -17.81 -3.75
CA ASP A 138 -10.44 -17.40 -3.81
C ASP A 138 -10.68 -16.15 -2.98
N HIS A 139 -10.11 -16.11 -1.77
CA HIS A 139 -10.25 -14.95 -0.91
C HIS A 139 -9.59 -13.72 -1.53
N LEU A 140 -8.40 -13.89 -2.12
CA LEU A 140 -7.73 -12.77 -2.76
C LEU A 140 -8.61 -12.14 -3.83
N ARG A 141 -9.30 -12.97 -4.62
CA ARG A 141 -10.16 -12.43 -5.66
C ARG A 141 -11.42 -11.80 -5.09
N ASP A 142 -11.95 -12.31 -3.98
CA ASP A 142 -13.09 -11.65 -3.34
C ASP A 142 -12.74 -10.23 -2.91
N VAL A 143 -11.54 -10.05 -2.34
CA VAL A 143 -11.18 -8.78 -1.73
C VAL A 143 -10.67 -7.80 -2.79
N PHE A 144 -9.66 -8.21 -3.56
CA PHE A 144 -9.10 -7.30 -4.56
C PHE A 144 -10.04 -7.14 -5.76
N GLY A 145 -10.76 -8.19 -6.14
CA GLY A 145 -11.57 -8.16 -7.34
C GLY A 145 -13.01 -7.77 -7.09
N LYS A 146 -13.73 -8.58 -6.32
CA LYS A 146 -15.15 -8.32 -6.14
C LYS A 146 -15.40 -7.02 -5.38
N ALA A 147 -14.56 -6.70 -4.41
CA ALA A 147 -14.72 -5.46 -3.65
C ALA A 147 -13.99 -4.28 -4.28
N MET A 148 -12.65 -4.35 -4.36
CA MET A 148 -11.89 -3.19 -4.81
C MET A 148 -12.05 -2.93 -6.30
N GLY A 149 -12.24 -3.99 -7.10
CA GLY A 149 -12.33 -3.84 -8.54
C GLY A 149 -11.01 -3.87 -9.28
N LEU A 150 -9.97 -4.45 -8.68
CA LEU A 150 -8.65 -4.57 -9.32
C LEU A 150 -8.54 -5.92 -10.05
N THR A 151 -7.54 -6.01 -10.92
CA THR A 151 -7.37 -7.19 -11.77
C THR A 151 -6.47 -8.22 -11.11
N ASP A 152 -6.41 -9.42 -11.69
CA ASP A 152 -5.52 -10.46 -11.18
C ASP A 152 -4.06 -10.02 -11.29
N GLN A 153 -3.70 -9.34 -12.38
CA GLN A 153 -2.36 -8.78 -12.47
C GLN A 153 -2.07 -7.82 -11.33
N ASP A 154 -3.04 -6.93 -11.01
CA ASP A 154 -2.85 -5.99 -9.90
C ASP A 154 -2.61 -6.73 -8.58
N ILE A 155 -3.31 -7.84 -8.35
CA ILE A 155 -3.14 -8.60 -7.12
C ILE A 155 -1.69 -9.02 -6.95
N VAL A 156 -1.13 -9.67 -7.98
CA VAL A 156 0.23 -10.21 -7.83
C VAL A 156 1.24 -9.08 -7.72
N ALA A 157 1.09 -8.04 -8.55
CA ALA A 157 2.04 -6.95 -8.50
C ALA A 157 2.02 -6.26 -7.13
N LEU A 158 0.81 -6.01 -6.60
CA LEU A 158 0.70 -5.32 -5.32
C LEU A 158 1.28 -6.15 -4.18
N MET A 159 1.10 -7.47 -4.22
N MET A 159 1.09 -7.47 -4.25
CA MET A 159 1.67 -8.29 -3.16
CA MET A 159 1.66 -8.36 -3.25
C MET A 159 3.20 -8.27 -3.16
C MET A 159 3.18 -8.19 -3.16
N GLY A 160 3.82 -7.82 -4.25
CA GLY A 160 5.23 -7.55 -4.27
C GLY A 160 5.64 -6.38 -3.37
N GLY A 161 4.68 -5.60 -2.86
CA GLY A 161 5.00 -4.61 -1.85
C GLY A 161 5.63 -5.20 -0.60
N HIS A 162 5.43 -6.50 -0.36
CA HIS A 162 6.10 -7.20 0.73
C HIS A 162 7.59 -7.31 0.51
N THR A 163 8.09 -6.84 -0.64
CA THR A 163 9.52 -6.76 -0.85
C THR A 163 10.17 -5.82 0.16
N ILE A 164 9.39 -4.92 0.78
CA ILE A 164 9.89 -4.10 1.88
C ILE A 164 9.13 -4.44 3.16
N GLY A 165 9.86 -4.47 4.26
CA GLY A 165 9.26 -4.61 5.58
C GLY A 165 9.24 -6.03 6.10
N ALA A 166 8.42 -6.20 7.15
CA ALA A 166 8.40 -7.43 7.92
C ALA A 166 7.09 -7.54 8.68
N ALA A 167 6.81 -8.75 9.14
CA ALA A 167 5.74 -8.98 10.11
C ALA A 167 6.30 -8.98 11.53
N HIS A 168 5.43 -8.71 12.50
CA HIS A 168 5.81 -8.60 13.90
C HIS A 168 4.84 -9.39 14.75
N LYS A 169 5.38 -10.26 15.62
CA LYS A 169 4.52 -11.15 16.39
C LYS A 169 3.58 -10.39 17.31
N GLU A 170 3.94 -9.16 17.68
CA GLU A 170 3.07 -8.33 18.51
C GLU A 170 2.03 -7.56 17.71
N ARG A 171 2.13 -7.56 16.38
CA ARG A 171 1.15 -6.89 15.54
C ARG A 171 0.22 -7.93 14.93
N SER A 172 0.59 -8.51 13.78
CA SER A 172 -0.24 -9.59 13.23
C SER A 172 -0.07 -10.90 13.99
N GLY A 173 1.14 -11.18 14.47
CA GLY A 173 1.49 -12.47 15.03
C GLY A 173 2.50 -13.23 14.19
N PHE A 174 2.53 -12.98 12.88
CA PHE A 174 3.60 -13.46 12.04
C PHE A 174 4.87 -12.67 12.34
N GLU A 175 6.02 -13.19 11.94
CA GLU A 175 7.27 -12.62 12.43
C GLU A 175 8.39 -12.78 11.43
N GLY A 176 8.93 -11.65 10.97
CA GLY A 176 10.10 -11.66 10.13
C GLY A 176 9.90 -11.01 8.77
N PRO A 177 11.01 -10.70 8.11
CA PRO A 177 10.95 -10.07 6.79
C PRO A 177 10.71 -11.10 5.69
N TRP A 178 10.10 -10.64 4.60
CA TRP A 178 9.97 -11.47 3.41
C TRP A 178 11.29 -11.63 2.67
N THR A 179 12.20 -10.67 2.79
CA THR A 179 13.41 -10.68 1.98
C THR A 179 14.61 -10.26 2.80
N SER A 180 15.79 -10.47 2.21
CA SER A 180 17.05 -10.16 2.88
C SER A 180 17.41 -8.69 2.86
N ASN A 181 16.71 -7.88 2.06
CA ASN A 181 16.96 -6.45 1.96
C ASN A 181 15.65 -5.70 2.14
N PRO A 182 15.09 -5.70 3.35
CA PRO A 182 13.70 -5.22 3.55
C PRO A 182 13.52 -3.72 3.52
N LEU A 183 14.54 -2.92 3.22
CA LEU A 183 14.36 -1.51 2.91
C LEU A 183 14.68 -1.19 1.46
N ILE A 184 14.79 -2.21 0.61
CA ILE A 184 15.14 -2.04 -0.80
C ILE A 184 13.97 -2.58 -1.63
N PHE A 185 13.37 -1.70 -2.42
CA PHE A 185 12.23 -2.07 -3.26
C PHE A 185 12.75 -2.72 -4.53
N ASP A 186 12.68 -4.05 -4.61
CA ASP A 186 13.11 -4.81 -5.79
C ASP A 186 12.18 -6.01 -5.96
N ASN A 187 12.52 -6.92 -6.87
CA ASN A 187 11.68 -8.07 -7.15
C ASN A 187 12.01 -9.28 -6.28
N SER A 188 12.73 -9.09 -5.18
CA SER A 188 13.19 -10.22 -4.38
CA SER A 188 13.18 -10.27 -4.45
C SER A 188 12.05 -10.97 -3.69
N TYR A 189 10.91 -10.31 -3.47
CA TYR A 189 9.75 -11.03 -2.95
C TYR A 189 9.42 -12.22 -3.84
N PHE A 190 9.42 -12.03 -5.16
CA PHE A 190 9.11 -13.11 -6.08
C PHE A 190 10.25 -14.12 -6.17
N THR A 191 11.49 -13.65 -6.06
CA THR A 191 12.64 -14.56 -6.04
C THR A 191 12.56 -15.51 -4.84
N GLU A 192 12.21 -14.98 -3.67
CA GLU A 192 12.15 -15.80 -2.46
C GLU A 192 10.93 -16.71 -2.48
N LEU A 193 9.80 -16.19 -2.95
CA LEU A 193 8.59 -17.01 -3.06
C LEU A 193 8.87 -18.25 -3.89
N LEU A 194 9.59 -18.10 -5.00
CA LEU A 194 9.89 -19.22 -5.88
C LEU A 194 10.90 -20.17 -5.25
N SER A 195 11.94 -19.62 -4.60
CA SER A 195 13.08 -20.41 -4.18
C SER A 195 12.79 -21.30 -2.97
N GLY A 196 11.70 -21.07 -2.26
CA GLY A 196 11.41 -21.85 -1.07
C GLY A 196 11.86 -21.16 0.19
N GLU A 197 11.54 -21.80 1.31
CA GLU A 197 11.74 -21.20 2.62
C GLU A 197 13.23 -21.17 2.97
N LYS A 198 13.78 -19.96 3.05
CA LYS A 198 15.10 -19.74 3.62
C LYS A 198 14.94 -19.42 5.10
N GLU A 199 15.90 -19.86 5.90
CA GLU A 199 15.88 -19.52 7.31
C GLU A 199 16.09 -18.02 7.47
N GLY A 200 15.38 -17.42 8.44
CA GLY A 200 15.41 -15.99 8.63
C GLY A 200 14.37 -15.22 7.85
N LEU A 201 13.80 -15.81 6.79
CA LEU A 201 12.76 -15.18 5.98
C LEU A 201 11.41 -15.79 6.31
N MET A 202 10.36 -15.14 5.80
CA MET A 202 8.99 -15.48 6.18
C MET A 202 8.10 -15.27 4.96
N MET A 203 7.14 -16.18 4.77
CA MET A 203 6.10 -16.04 3.76
C MET A 203 4.76 -16.41 4.40
N LEU A 204 3.74 -15.62 4.12
CA LEU A 204 2.39 -15.88 4.60
C LEU A 204 1.72 -16.93 3.72
N PRO A 205 0.72 -17.64 4.26
CA PRO A 205 -0.06 -18.55 3.41
C PRO A 205 -0.69 -17.86 2.21
N SER A 206 -1.12 -16.60 2.36
CA SER A 206 -1.66 -15.84 1.24
C SER A 206 -0.60 -15.59 0.18
N ASP A 207 0.65 -15.35 0.59
CA ASP A 207 1.74 -15.24 -0.39
C ASP A 207 1.90 -16.54 -1.16
N LYS A 208 1.95 -17.66 -0.44
CA LYS A 208 2.20 -18.96 -1.06
C LYS A 208 1.06 -19.40 -1.96
N ALA A 209 -0.15 -18.89 -1.73
CA ALA A 209 -1.28 -19.23 -2.59
C ALA A 209 -1.06 -18.79 -4.04
N LEU A 210 -0.25 -17.75 -4.25
CA LEU A 210 0.04 -17.31 -5.62
C LEU A 210 0.70 -18.41 -6.44
N LEU A 211 1.48 -19.28 -5.78
CA LEU A 211 2.31 -20.22 -6.53
C LEU A 211 1.50 -21.30 -7.24
N SER A 212 0.35 -21.67 -6.68
CA SER A 212 -0.43 -22.78 -7.20
C SER A 212 -1.60 -22.34 -8.07
N ASP A 213 -1.82 -21.04 -8.22
CA ASP A 213 -2.95 -20.59 -9.02
C ASP A 213 -2.51 -20.41 -10.47
N PRO A 214 -3.34 -20.86 -11.43
CA PRO A 214 -2.92 -20.83 -12.84
C PRO A 214 -2.79 -19.45 -13.43
N VAL A 215 -3.44 -18.44 -12.85
CA VAL A 215 -3.27 -17.07 -13.34
C VAL A 215 -2.15 -16.35 -12.57
N PHE A 216 -2.10 -16.54 -11.25
CA PHE A 216 -1.11 -15.83 -10.44
C PHE A 216 0.31 -16.33 -10.73
N ARG A 217 0.49 -17.64 -10.90
CA ARG A 217 1.84 -18.19 -11.03
C ARG A 217 2.61 -17.67 -12.23
N PRO A 218 2.06 -17.62 -13.45
CA PRO A 218 2.79 -16.97 -14.55
C PRO A 218 3.22 -15.54 -14.23
N LEU A 219 2.43 -14.81 -13.45
CA LEU A 219 2.81 -13.46 -13.06
C LEU A 219 3.98 -13.47 -12.09
N VAL A 220 3.95 -14.37 -11.11
CA VAL A 220 5.09 -14.53 -10.20
C VAL A 220 6.36 -14.83 -10.99
N ASP A 221 6.27 -15.77 -11.94
CA ASP A 221 7.44 -16.14 -12.72
C ASP A 221 7.95 -14.95 -13.55
N LYS A 222 7.03 -14.16 -14.11
CA LYS A 222 7.43 -13.01 -14.91
C LYS A 222 8.16 -11.97 -14.07
N TYR A 223 7.61 -11.67 -12.89
CA TYR A 223 8.22 -10.66 -12.03
C TYR A 223 9.55 -11.13 -11.46
N ALA A 224 9.68 -12.43 -11.17
CA ALA A 224 10.96 -12.96 -10.68
C ALA A 224 12.04 -12.89 -11.75
N ALA A 225 11.66 -13.04 -13.02
CA ALA A 225 12.64 -13.00 -14.10
C ALA A 225 12.87 -11.61 -14.66
N ASP A 226 11.99 -10.64 -14.35
CA ASP A 226 12.01 -9.35 -15.05
C ASP A 226 11.58 -8.26 -14.06
N GLU A 227 12.56 -7.69 -13.35
CA GLU A 227 12.25 -6.63 -12.39
C GLU A 227 11.66 -5.40 -13.06
N ASP A 228 12.07 -5.12 -14.30
CA ASP A 228 11.47 -3.99 -15.01
C ASP A 228 9.98 -4.19 -15.23
N ALA A 229 9.56 -5.42 -15.56
CA ALA A 229 8.15 -5.66 -15.76
C ALA A 229 7.38 -5.60 -14.45
N PHE A 230 8.02 -6.04 -13.36
CA PHE A 230 7.41 -5.88 -12.04
C PHE A 230 7.21 -4.41 -11.70
N PHE A 231 8.25 -3.60 -11.90
CA PHE A 231 8.14 -2.17 -11.58
C PHE A 231 7.02 -1.51 -12.38
N ALA A 232 6.89 -1.85 -13.66
CA ALA A 232 5.83 -1.27 -14.47
C ALA A 232 4.45 -1.68 -13.96
N ASP A 233 4.24 -2.98 -13.74
CA ASP A 233 2.93 -3.44 -13.28
C ASP A 233 2.65 -2.98 -11.85
N TYR A 234 3.68 -2.90 -11.01
CA TYR A 234 3.48 -2.41 -9.65
C TYR A 234 3.01 -0.94 -9.67
N ALA A 235 3.69 -0.10 -10.45
CA ALA A 235 3.30 1.30 -10.49
C ALA A 235 1.87 1.49 -11.01
N GLU A 236 1.49 0.70 -12.01
CA GLU A 236 0.12 0.75 -12.50
C GLU A 236 -0.87 0.34 -11.41
N ALA A 237 -0.57 -0.73 -10.68
CA ALA A 237 -1.49 -1.22 -9.67
C ALA A 237 -1.56 -0.29 -8.46
N HIS A 238 -0.40 0.22 -8.00
CA HIS A 238 -0.42 1.15 -6.89
C HIS A 238 -1.19 2.42 -7.23
N GLN A 239 -1.02 2.95 -8.44
CA GLN A 239 -1.80 4.13 -8.80
C GLN A 239 -3.30 3.83 -8.72
N LYS A 240 -3.73 2.70 -9.28
CA LYS A 240 -5.14 2.34 -9.25
C LYS A 240 -5.63 2.21 -7.81
N LEU A 241 -4.87 1.48 -6.98
CA LEU A 241 -5.23 1.32 -5.57
C LEU A 241 -5.40 2.67 -4.89
N SER A 242 -4.42 3.56 -5.05
CA SER A 242 -4.45 4.86 -4.38
C SER A 242 -5.58 5.74 -4.87
N GLU A 243 -6.25 5.39 -5.97
CA GLU A 243 -7.28 6.22 -6.55
C GLU A 243 -8.65 5.55 -6.53
N LEU A 244 -8.80 4.44 -5.80
CA LEU A 244 -10.09 3.75 -5.74
C LEU A 244 -11.17 4.70 -5.21
N GLY A 245 -12.27 4.77 -5.94
CA GLY A 245 -13.38 5.64 -5.60
C GLY A 245 -13.14 7.12 -5.82
N PHE A 246 -11.98 7.49 -6.37
CA PHE A 246 -11.57 8.88 -6.49
C PHE A 246 -11.45 9.24 -7.95
N ALA A 247 -12.03 10.38 -8.33
CA ALA A 247 -11.98 10.87 -9.71
C ALA A 247 -12.63 9.87 -10.67
N ASP A 248 -13.74 9.30 -10.21
CA ASP A 248 -14.49 8.17 -10.82
C ASP A 248 -13.97 6.79 -10.41
CHA HEM B . 2.85 -6.23 6.37
CHB HEM B . -0.84 -9.18 5.21
CHC HEM B . -1.10 -7.13 0.81
CHD HEM B . 2.30 -3.93 2.14
C1A HEM B . 1.87 -7.22 6.43
C2A HEM B . 1.62 -8.10 7.55
C3A HEM B . 0.62 -8.90 7.21
C4A HEM B . 0.18 -8.56 5.89
CMA HEM B . -0.01 -10.01 8.11
CAA HEM B . 2.38 -8.10 8.88
CBA HEM B . 1.90 -6.98 9.78
CGA HEM B . 2.78 -7.02 11.01
O1A HEM B . 2.74 -8.03 11.76
O2A HEM B . 3.53 -6.04 11.27
C1B HEM B . -1.18 -8.93 3.91
C2B HEM B . -2.08 -9.71 3.13
C3B HEM B . -2.17 -9.19 1.93
C4B HEM B . -1.31 -8.01 1.87
CMB HEM B . -2.83 -10.97 3.61
CAB HEM B . -3.08 -9.84 0.87
CBB HEM B . -3.26 -9.28 -0.29
C1C HEM B . -0.26 -6.04 0.83
C2C HEM B . -0.22 -5.00 -0.18
C3C HEM B . 0.72 -4.11 0.19
C4C HEM B . 1.30 -4.55 1.43
CMC HEM B . -1.13 -4.99 -1.42
CAC HEM B . 1.21 -2.81 -0.49
CBC HEM B . 1.30 -2.66 -1.83
C1D HEM B . 2.82 -4.35 3.35
C2D HEM B . 4.04 -3.88 3.95
C3D HEM B . 4.20 -4.51 5.13
C4D HEM B . 3.07 -5.40 5.29
CMD HEM B . 4.96 -2.83 3.31
CAD HEM B . 5.37 -4.34 6.13
CBD HEM B . 5.01 -3.38 7.28
CGD HEM B . 6.17 -3.21 8.25
O1D HEM B . 5.91 -2.69 9.36
O2D HEM B . 7.33 -3.58 7.91
NA HEM B . 0.97 -7.53 5.43
NB HEM B . -0.72 -7.89 3.12
NC HEM B . 0.68 -5.73 1.81
ND HEM B . 2.25 -5.30 4.17
FE HEM B . 0.89 -6.70 3.57
S SO4 C . -3.67 31.52 -8.06
O1 SO4 C . -3.79 30.63 -9.21
O2 SO4 C . -4.50 31.02 -6.97
O3 SO4 C . -4.10 32.87 -8.42
O4 SO4 C . -2.28 31.55 -7.61
S SO4 D . -9.62 -19.42 0.26
O1 SO4 D . -11.04 -19.28 0.60
O2 SO4 D . -9.36 -20.71 -0.37
O3 SO4 D . -9.25 -18.36 -0.67
O4 SO4 D . -8.83 -19.31 1.48
K K E . 13.62 -6.19 -0.87
#